data_6V37
#
_entry.id   6V37
#
_cell.length_a   67.018
_cell.length_b   118.735
_cell.length_c   129.036
_cell.angle_alpha   90.000
_cell.angle_beta   90.000
_cell.angle_gamma   90.000
#
_symmetry.space_group_name_H-M   'P 21 21 21'
#
loop_
_entity.id
_entity.type
_entity.pdbx_description
1 polymer 'Potassium channel subfamily K member 2'
2 non-polymer 'ruthenium(6+) azanide pentaamino(oxido)ruthenium (1/4/2)'
3 non-polymer 'CADMIUM ION'
4 non-polymer DODECANE
5 non-polymer N-[(2,4-dichlorophenyl)methyl]-4-[(methylsulfonyl)amino]benzamide
6 non-polymer 'POTASSIUM ION'
7 non-polymer HEXANE
8 water water
#
_entity_poly.entity_id   1
_entity_poly.type   'polypeptide(L)'
_entity_poly.pdbx_seq_one_letter_code
;MSFSSKPTVLASRVESDSAINVMKWKTVSTIFLVVVLYLIIGATVFKALEQPQEISQRTTIVIQREKFLRAHPCVSDQEL
DELIQQIVAADNAGIIPLGASSNQVSHWDLGSSFFFAGTVITTIGFGNISPRTEGGKIFCIIYALLGIPLFGFLLAGVGD
QLGTIFGKGIAKVEDTFIKWNVSQTKIRIISTIIFILFGCVLFVALPAVIFKHIEGWSALDAIYFVVITLTTIGFGDYVA
GGSDIEYLDFYKPVVWFWILVGLAYFAAVLSMIGDWLRVIAKKTKEAVGEFRAHAAEWTANVTSNSLEVLFQ
;
_entity_poly.pdbx_strand_id   A,B
#
# COMPACT_ATOMS: atom_id res chain seq x y z
N ASN A 21 18.17 -22.74 -26.34
CA ASN A 21 17.72 -22.06 -27.54
C ASN A 21 17.02 -20.77 -27.09
N VAL A 22 17.68 -19.64 -27.31
CA VAL A 22 17.38 -18.39 -26.62
C VAL A 22 16.19 -17.66 -27.25
N MET A 23 15.40 -18.39 -28.05
CA MET A 23 14.17 -17.87 -28.63
C MET A 23 13.25 -17.29 -27.56
N LYS A 24 13.69 -17.32 -26.30
CA LYS A 24 12.93 -17.00 -25.10
C LYS A 24 12.56 -15.52 -25.00
N TRP A 25 12.38 -14.86 -26.14
CA TRP A 25 12.38 -13.42 -26.32
C TRP A 25 11.74 -12.63 -25.18
N LYS A 26 12.19 -11.37 -25.01
CA LYS A 26 11.64 -10.46 -24.02
C LYS A 26 10.23 -10.04 -24.39
N THR A 27 9.22 -10.74 -23.86
CA THR A 27 7.85 -10.28 -24.00
C THR A 27 7.55 -9.11 -23.06
N VAL A 28 8.38 -8.91 -22.04
CA VAL A 28 8.17 -7.85 -21.06
C VAL A 28 8.18 -6.48 -21.73
N SER A 29 9.01 -6.30 -22.76
CA SER A 29 9.15 -5.01 -23.41
C SER A 29 7.79 -4.43 -23.81
N THR A 30 6.97 -5.24 -24.48
CA THR A 30 5.66 -4.75 -24.88
C THR A 30 4.84 -4.31 -23.67
N ILE A 31 4.76 -5.16 -22.65
CA ILE A 31 3.99 -4.81 -21.46
C ILE A 31 4.53 -3.53 -20.82
N PHE A 32 5.86 -3.46 -20.68
CA PHE A 32 6.49 -2.26 -20.11
C PHE A 32 5.98 -1.00 -20.79
N LEU A 33 5.97 -0.99 -22.12
CA LEU A 33 5.53 0.20 -22.85
C LEU A 33 4.06 0.49 -22.61
N VAL A 34 3.23 -0.56 -22.56
CA VAL A 34 1.82 -0.37 -22.26
C VAL A 34 1.64 0.24 -20.88
N VAL A 35 2.46 -0.20 -19.92
CA VAL A 35 2.41 0.39 -18.58
C VAL A 35 2.86 1.85 -18.63
N VAL A 36 4.00 2.12 -19.28
CA VAL A 36 4.48 3.49 -19.42
C VAL A 36 3.40 4.35 -20.08
N LEU A 37 2.77 3.83 -21.12
CA LEU A 37 1.69 4.57 -21.76
C LEU A 37 0.49 4.73 -20.83
N TYR A 38 0.23 3.70 -20.00
CA TYR A 38 -0.88 3.78 -19.06
C TYR A 38 -0.63 4.86 -18.01
N LEU A 39 0.63 5.03 -17.60
CA LEU A 39 0.95 6.07 -16.63
C LEU A 39 0.84 7.46 -17.26
N ILE A 40 1.29 7.62 -18.51
CA ILE A 40 1.22 8.91 -19.17
C ILE A 40 -0.23 9.36 -19.30
N ILE A 41 -1.10 8.46 -19.75
CA ILE A 41 -2.53 8.78 -19.83
C ILE A 41 -3.06 9.15 -18.45
N GLY A 42 -2.74 8.33 -17.45
CA GLY A 42 -3.14 8.63 -16.09
C GLY A 42 -2.66 10.00 -15.66
N ALA A 43 -1.35 10.21 -15.71
CA ALA A 43 -0.78 11.48 -15.25
C ALA A 43 -1.52 12.66 -15.85
N THR A 44 -1.84 12.60 -17.14
CA THR A 44 -2.51 13.72 -17.79
C THR A 44 -3.93 13.90 -17.24
N VAL A 45 -4.68 12.81 -17.10
CA VAL A 45 -6.05 12.92 -16.62
C VAL A 45 -6.08 13.43 -15.18
N PHE A 46 -5.11 13.02 -14.37
CA PHE A 46 -5.05 13.52 -13.00
C PHE A 46 -4.67 14.99 -12.96
N LYS A 47 -3.67 15.39 -13.75
CA LYS A 47 -3.32 16.80 -13.84
C LYS A 47 -4.54 17.63 -14.21
N ALA A 48 -5.30 17.18 -15.21
CA ALA A 48 -6.48 17.90 -15.65
C ALA A 48 -7.58 17.92 -14.60
N LEU A 49 -7.58 16.97 -13.67
CA LEU A 49 -8.64 16.85 -12.68
C LEU A 49 -8.31 17.49 -11.34
N GLU A 50 -7.04 17.68 -11.03
CA GLU A 50 -6.65 18.15 -9.70
C GLU A 50 -5.90 19.47 -9.69
N GLN A 51 -5.24 19.83 -10.79
CA GLN A 51 -4.44 21.05 -10.81
C GLN A 51 -5.32 22.29 -10.69
N PRO A 52 -6.54 22.28 -11.26
CA PRO A 52 -7.44 23.44 -11.10
C PRO A 52 -7.75 23.75 -9.64
N GLN A 53 -8.34 22.79 -8.93
CA GLN A 53 -8.70 23.03 -7.52
C GLN A 53 -7.46 23.33 -6.68
N GLU A 54 -6.31 22.80 -7.07
CA GLU A 54 -5.08 23.15 -6.36
C GLU A 54 -4.82 24.65 -6.43
N ILE A 55 -5.08 25.25 -7.59
CA ILE A 55 -4.89 26.69 -7.75
C ILE A 55 -5.90 27.44 -6.89
N SER A 56 -7.19 27.14 -7.05
CA SER A 56 -8.22 27.80 -6.26
C SER A 56 -7.90 27.70 -4.77
N GLN A 57 -7.48 26.52 -4.32
CA GLN A 57 -7.14 26.36 -2.91
C GLN A 57 -5.83 27.09 -2.58
N ARG A 58 -4.87 27.08 -3.51
CA ARG A 58 -3.62 27.79 -3.27
C ARG A 58 -3.85 29.28 -3.11
N THR A 59 -4.90 29.81 -3.72
CA THR A 59 -5.23 31.23 -3.58
C THR A 59 -6.13 31.49 -2.37
N THR A 60 -7.09 30.60 -2.09
CA THR A 60 -7.96 30.79 -0.94
C THR A 60 -7.18 30.73 0.36
N ILE A 61 -6.10 29.95 0.40
CA ILE A 61 -5.29 29.89 1.61
C ILE A 61 -4.43 31.14 1.75
N VAL A 62 -4.02 31.75 0.64
CA VAL A 62 -3.37 33.04 0.70
C VAL A 62 -4.35 34.10 1.20
N ILE A 63 -5.61 34.00 0.78
CA ILE A 63 -6.63 34.93 1.25
C ILE A 63 -6.94 34.69 2.72
N GLN A 64 -6.72 33.47 3.22
CA GLN A 64 -6.97 33.21 4.62
C GLN A 64 -5.87 33.77 5.52
N ARG A 65 -4.60 33.63 5.10
CA ARG A 65 -3.52 34.23 5.88
C ARG A 65 -3.69 35.73 6.01
N GLU A 66 -3.87 36.41 4.87
CA GLU A 66 -4.01 37.87 4.92
C GLU A 66 -5.20 38.26 5.79
N LYS A 67 -6.29 37.48 5.72
CA LYS A 67 -7.41 37.69 6.63
C LYS A 67 -6.96 37.56 8.09
N PHE A 68 -6.12 36.57 8.37
CA PHE A 68 -5.67 36.35 9.74
C PHE A 68 -4.82 37.52 10.24
N LEU A 69 -3.84 37.94 9.45
CA LEU A 69 -2.97 39.03 9.89
C LEU A 69 -3.76 40.30 10.15
N ARG A 70 -4.67 40.65 9.23
CA ARG A 70 -5.43 41.89 9.38
C ARG A 70 -6.54 41.74 10.42
N ALA A 71 -7.35 40.68 10.32
CA ALA A 71 -8.39 40.46 11.31
C ALA A 71 -7.80 40.37 12.71
N HIS A 72 -6.57 39.90 12.83
CA HIS A 72 -5.86 39.87 14.10
C HIS A 72 -4.47 40.45 13.87
N PRO A 73 -4.37 41.78 13.67
CA PRO A 73 -3.05 42.42 13.54
C PRO A 73 -2.24 42.23 14.80
N CYS A 74 -2.88 41.67 15.81
CA CYS A 74 -2.28 41.37 17.09
C CYS A 74 -1.20 40.31 16.97
N VAL A 75 -1.24 39.51 15.91
CA VAL A 75 -0.20 38.55 15.56
C VAL A 75 0.43 39.01 14.25
N SER A 76 1.75 39.20 14.24
CA SER A 76 2.44 39.71 13.07
C SER A 76 2.90 38.57 12.16
N ASP A 77 3.47 38.94 11.01
CA ASP A 77 4.05 37.96 10.12
C ASP A 77 5.12 37.14 10.83
N GLN A 78 5.97 37.79 11.63
CA GLN A 78 7.07 37.08 12.27
C GLN A 78 6.58 36.12 13.34
N GLU A 79 5.46 36.42 13.98
CA GLU A 79 4.86 35.50 14.95
C GLU A 79 3.92 34.51 14.32
N LEU A 80 3.55 34.70 13.05
CA LEU A 80 2.74 33.75 12.30
C LEU A 80 3.59 32.65 11.67
N ASP A 81 4.76 32.99 11.13
CA ASP A 81 5.63 31.97 10.56
C ASP A 81 6.12 31.02 11.64
N GLU A 82 6.39 31.54 12.84
CA GLU A 82 6.74 30.67 13.95
C GLU A 82 5.61 29.69 14.25
N LEU A 83 4.37 30.18 14.27
CA LEU A 83 3.23 29.32 14.52
C LEU A 83 3.11 28.24 13.45
N ILE A 84 3.24 28.63 12.18
CA ILE A 84 3.08 27.67 11.09
C ILE A 84 4.22 26.68 11.06
N GLN A 85 5.42 27.10 11.48
CA GLN A 85 6.55 26.17 11.53
C GLN A 85 6.37 25.15 12.64
N GLN A 86 5.84 25.58 13.78
CA GLN A 86 5.67 24.67 14.92
C GLN A 86 4.57 23.66 14.67
N ILE A 87 3.58 24.00 13.84
CA ILE A 87 2.47 23.09 13.57
C ILE A 87 2.85 22.07 12.50
N VAL A 88 3.72 22.44 11.56
CA VAL A 88 4.26 21.45 10.63
C VAL A 88 5.13 20.45 11.38
N ALA A 89 5.80 20.90 12.44
CA ALA A 89 6.56 19.99 13.28
C ALA A 89 5.62 19.07 14.06
N ALA A 90 4.62 19.66 14.74
CA ALA A 90 3.59 18.85 15.40
C ALA A 90 2.93 17.90 14.41
N ASP A 91 2.88 18.29 13.14
CA ASP A 91 2.42 17.38 12.09
C ASP A 91 3.16 16.05 12.13
N ASN A 92 4.47 16.11 12.41
CA ASN A 92 5.29 14.91 12.37
C ASN A 92 4.70 13.80 13.25
N ALA A 93 4.11 14.16 14.37
CA ALA A 93 3.50 13.19 15.28
C ALA A 93 1.97 13.32 15.29
N SER A 106 -3.31 9.90 22.65
CA SER A 106 -4.45 9.45 21.85
C SER A 106 -4.01 8.42 20.81
N HIS A 107 -2.81 8.60 20.27
CA HIS A 107 -2.22 7.65 19.34
C HIS A 107 -1.51 6.53 20.11
N TRP A 108 -1.13 5.47 19.38
CA TRP A 108 -0.32 4.40 19.93
C TRP A 108 -0.90 3.85 21.23
N ASP A 109 -2.21 3.97 21.40
CA ASP A 109 -2.89 3.48 22.59
C ASP A 109 -3.13 1.99 22.51
N LEU A 110 -3.98 1.49 23.41
CA LEU A 110 -4.34 0.08 23.43
C LEU A 110 -4.55 -0.47 22.02
N GLY A 111 -5.49 0.11 21.28
CA GLY A 111 -5.89 -0.44 19.99
C GLY A 111 -5.29 0.22 18.78
N SER A 112 -4.88 1.49 18.89
CA SER A 112 -4.26 2.17 17.76
C SER A 112 -3.01 1.42 17.29
N SER A 113 -2.09 1.17 18.22
CA SER A 113 -0.93 0.35 17.87
C SER A 113 -1.34 -1.01 17.31
N PHE A 114 -2.55 -1.46 17.63
CA PHE A 114 -3.04 -2.75 17.11
C PHE A 114 -3.35 -2.64 15.63
N PHE A 115 -4.12 -1.62 15.24
CA PHE A 115 -4.37 -1.34 13.84
C PHE A 115 -3.10 -0.95 13.08
N PHE A 116 -2.17 -0.23 13.72
CA PHE A 116 -0.89 0.01 13.06
C PHE A 116 -0.29 -1.32 12.58
N ALA A 117 -0.23 -2.31 13.46
CA ALA A 117 0.21 -3.64 13.03
C ALA A 117 -0.68 -4.19 11.94
N GLY A 118 -1.97 -3.82 11.94
CA GLY A 118 -2.86 -4.27 10.89
C GLY A 118 -2.47 -3.73 9.53
N THR A 119 -2.21 -2.42 9.44
CA THR A 119 -1.78 -1.83 8.19
C THR A 119 -0.39 -2.27 7.77
N VAL A 120 0.40 -2.82 8.68
CA VAL A 120 1.72 -3.32 8.30
C VAL A 120 1.60 -4.66 7.59
N ILE A 121 0.94 -5.62 8.22
CA ILE A 121 0.88 -6.96 7.64
C ILE A 121 -0.03 -7.00 6.42
N THR A 122 -1.04 -6.13 6.38
CA THR A 122 -1.93 -6.07 5.22
C THR A 122 -1.32 -5.25 4.09
N THR A 123 -0.31 -4.45 4.37
CA THR A 123 0.35 -3.53 3.46
C THR A 123 -0.55 -2.37 3.05
N ILE A 124 -1.78 -2.29 3.57
CA ILE A 124 -2.61 -1.12 3.34
C ILE A 124 -1.88 0.14 3.80
N GLY A 125 -1.20 0.05 4.95
CA GLY A 125 -0.32 1.10 5.44
C GLY A 125 -0.83 2.50 5.24
N PHE A 126 -2.01 2.82 5.78
CA PHE A 126 -2.59 4.15 5.60
C PHE A 126 -1.59 5.25 5.93
N GLY A 127 -0.76 5.04 6.94
CA GLY A 127 0.29 5.97 7.28
C GLY A 127 -0.11 7.08 8.24
N ASN A 128 -1.40 7.19 8.58
CA ASN A 128 -1.81 8.21 9.53
C ASN A 128 -1.03 8.12 10.83
N ILE A 129 -0.68 6.90 11.23
CA ILE A 129 0.25 6.65 12.33
C ILE A 129 1.39 5.79 11.79
N SER A 130 2.62 6.17 12.14
CA SER A 130 3.80 5.46 11.67
C SER A 130 4.90 5.65 12.69
N PRO A 131 5.85 4.73 12.79
CA PRO A 131 6.88 4.83 13.81
C PRO A 131 7.73 6.08 13.63
N ARG A 132 8.10 6.69 14.75
CA ARG A 132 9.04 7.81 14.75
C ARG A 132 10.35 7.47 15.45
N THR A 133 10.41 6.34 16.15
CA THR A 133 11.61 5.92 16.85
C THR A 133 12.46 5.02 15.97
N GLU A 134 13.78 5.04 16.21
CA GLU A 134 14.66 4.12 15.48
C GLU A 134 14.32 2.67 15.79
N GLY A 135 13.83 2.39 16.99
CA GLY A 135 13.44 1.04 17.35
C GLY A 135 12.11 0.66 16.74
N GLY A 136 11.14 1.56 16.79
CA GLY A 136 9.87 1.30 16.13
C GLY A 136 10.03 1.06 14.65
N LYS A 137 10.92 1.83 14.00
CA LYS A 137 11.21 1.63 12.59
C LYS A 137 11.80 0.24 12.35
N ILE A 138 12.88 -0.08 13.05
CA ILE A 138 13.52 -1.39 12.91
C ILE A 138 12.50 -2.50 13.18
N PHE A 139 11.79 -2.39 14.30
CA PHE A 139 10.78 -3.40 14.61
C PHE A 139 9.73 -3.47 13.52
N CYS A 140 9.33 -2.33 12.97
CA CYS A 140 8.40 -2.34 11.85
C CYS A 140 8.99 -3.07 10.64
N ILE A 141 10.27 -2.83 10.36
CA ILE A 141 10.93 -3.53 9.26
C ILE A 141 10.80 -5.04 9.45
N ILE A 142 11.22 -5.53 10.62
CA ILE A 142 11.14 -6.95 10.91
C ILE A 142 9.68 -7.39 11.01
N TYR A 143 8.87 -6.62 11.74
CA TYR A 143 7.47 -6.99 11.91
C TYR A 143 6.78 -7.14 10.56
N ALA A 144 7.20 -6.37 9.56
CA ALA A 144 6.59 -6.45 8.24
C ALA A 144 7.11 -7.65 7.46
N LEU A 145 8.43 -7.83 7.43
CA LEU A 145 9.02 -8.94 6.67
C LEU A 145 8.47 -10.28 7.12
N LEU A 146 8.19 -10.42 8.42
CA LEU A 146 7.59 -11.64 8.93
C LEU A 146 6.08 -11.60 8.91
N GLY A 147 5.49 -10.41 9.04
CA GLY A 147 4.04 -10.29 9.13
C GLY A 147 3.34 -10.49 7.80
N ILE A 148 3.82 -9.83 6.75
CA ILE A 148 3.14 -9.93 5.46
C ILE A 148 3.07 -11.36 4.95
N PRO A 149 4.15 -12.16 4.98
CA PRO A 149 4.01 -13.56 4.58
C PRO A 149 2.95 -14.28 5.40
N LEU A 150 3.02 -14.20 6.73
CA LEU A 150 2.03 -14.85 7.58
C LEU A 150 0.61 -14.46 7.19
N PHE A 151 0.33 -13.16 7.14
CA PHE A 151 -1.03 -12.75 6.80
C PHE A 151 -1.45 -13.28 5.44
N GLY A 152 -0.49 -13.43 4.51
CA GLY A 152 -0.80 -14.03 3.23
C GLY A 152 -1.42 -15.41 3.35
N PHE A 153 -0.86 -16.24 4.23
CA PHE A 153 -1.48 -17.55 4.49
C PHE A 153 -2.92 -17.38 4.97
N LEU A 154 -3.12 -16.62 6.05
CA LEU A 154 -4.47 -16.32 6.50
C LEU A 154 -5.35 -15.90 5.33
N LEU A 155 -4.94 -14.85 4.62
CA LEU A 155 -5.74 -14.38 3.51
C LEU A 155 -5.94 -15.46 2.47
N ALA A 156 -4.90 -16.26 2.21
CA ALA A 156 -5.04 -17.38 1.29
C ALA A 156 -6.14 -18.32 1.75
N GLY A 157 -6.08 -18.75 3.02
CA GLY A 157 -7.12 -19.62 3.54
C GLY A 157 -8.49 -18.96 3.52
N VAL A 158 -8.58 -17.73 4.02
CA VAL A 158 -9.86 -17.03 4.01
C VAL A 158 -10.43 -16.99 2.60
N GLY A 159 -9.56 -16.80 1.61
CA GLY A 159 -10.00 -16.80 0.22
C GLY A 159 -10.57 -18.14 -0.22
N ASP A 160 -9.78 -19.21 -0.06
CA ASP A 160 -10.26 -20.53 -0.44
C ASP A 160 -11.57 -20.87 0.25
N GLN A 161 -11.69 -20.50 1.53
CA GLN A 161 -12.92 -20.77 2.26
C GLN A 161 -14.08 -19.96 1.67
N LEU A 162 -13.89 -18.64 1.56
CA LEU A 162 -14.89 -17.81 0.90
C LEU A 162 -15.09 -18.23 -0.55
N GLY A 163 -14.07 -18.80 -1.17
CA GLY A 163 -14.23 -19.32 -2.53
C GLY A 163 -15.04 -20.59 -2.58
N THR A 164 -15.01 -21.38 -1.51
CA THR A 164 -15.87 -22.57 -1.44
C THR A 164 -17.27 -22.21 -0.96
N ILE A 165 -17.40 -21.20 -0.10
CA ILE A 165 -18.73 -20.75 0.31
C ILE A 165 -19.55 -20.36 -0.90
N PHE A 166 -18.98 -19.56 -1.80
CA PHE A 166 -19.61 -19.33 -3.08
C PHE A 166 -19.64 -20.61 -3.92
N GLY A 167 -18.74 -21.55 -3.64
CA GLY A 167 -18.85 -22.88 -4.21
C GLY A 167 -20.06 -23.64 -3.70
N LYS A 168 -20.66 -23.19 -2.60
CA LYS A 168 -21.96 -23.69 -2.17
C LYS A 168 -23.12 -22.84 -2.67
N GLY A 169 -22.85 -21.66 -3.22
CA GLY A 169 -23.91 -20.81 -3.72
C GLY A 169 -24.07 -20.76 -5.22
N ILE A 170 -22.97 -20.63 -5.96
CA ILE A 170 -23.06 -20.26 -7.37
C ILE A 170 -23.39 -21.44 -8.25
N ALA A 171 -22.49 -22.42 -8.33
CA ALA A 171 -22.64 -23.49 -9.32
C ALA A 171 -23.92 -24.28 -9.10
N LYS A 172 -24.36 -24.38 -7.85
CA LYS A 172 -25.51 -25.22 -7.50
C LYS A 172 -26.79 -24.67 -8.12
N VAL A 173 -27.12 -23.43 -7.79
CA VAL A 173 -28.35 -22.80 -8.30
C VAL A 173 -28.14 -22.09 -9.63
N GLU A 174 -26.89 -21.91 -10.08
CA GLU A 174 -26.66 -21.33 -11.39
C GLU A 174 -26.82 -22.35 -12.50
N ASP A 175 -26.77 -23.65 -12.18
CA ASP A 175 -26.93 -24.69 -13.17
C ASP A 175 -28.39 -24.87 -13.59
N THR A 176 -29.33 -24.19 -12.94
CA THR A 176 -30.73 -24.24 -13.35
C THR A 176 -31.00 -23.47 -14.63
N PHE A 177 -30.03 -22.68 -15.11
CA PHE A 177 -30.15 -21.98 -16.38
C PHE A 177 -31.11 -20.80 -16.26
N GLN A 184 -21.97 -23.67 -22.68
CA GLN A 184 -20.59 -23.93 -22.28
C GLN A 184 -19.99 -22.71 -21.61
N THR A 185 -19.64 -21.71 -22.41
CA THR A 185 -19.11 -20.45 -21.91
C THR A 185 -20.17 -19.34 -21.87
N LYS A 186 -21.43 -19.69 -22.10
CA LYS A 186 -22.51 -18.70 -22.12
C LYS A 186 -23.10 -18.48 -20.73
N ILE A 187 -23.30 -19.56 -19.96
CA ILE A 187 -23.78 -19.41 -18.60
C ILE A 187 -22.66 -18.90 -17.69
N ARG A 188 -21.41 -19.24 -17.99
CA ARG A 188 -20.28 -18.71 -17.23
C ARG A 188 -20.36 -17.20 -17.04
N ILE A 189 -20.89 -16.49 -18.03
CA ILE A 189 -20.91 -15.04 -17.97
C ILE A 189 -21.97 -14.55 -16.99
N ILE A 190 -23.07 -15.27 -16.85
CA ILE A 190 -24.07 -14.89 -15.86
C ILE A 190 -23.57 -15.21 -14.45
N SER A 191 -22.93 -16.36 -14.27
CA SER A 191 -22.35 -16.70 -12.98
C SER A 191 -21.39 -15.62 -12.51
N THR A 192 -20.44 -15.23 -13.37
CA THR A 192 -19.47 -14.22 -12.99
C THR A 192 -20.15 -12.89 -12.67
N ILE A 193 -21.22 -12.55 -13.40
CA ILE A 193 -21.97 -11.35 -13.09
C ILE A 193 -22.62 -11.47 -11.71
N ILE A 194 -23.17 -12.65 -11.42
CA ILE A 194 -23.74 -12.88 -10.09
C ILE A 194 -22.65 -12.72 -9.02
N PHE A 195 -21.44 -13.19 -9.32
CA PHE A 195 -20.33 -13.06 -8.38
C PHE A 195 -20.03 -11.59 -8.08
N ILE A 196 -19.66 -10.83 -9.11
CA ILE A 196 -19.23 -9.45 -8.89
C ILE A 196 -20.38 -8.60 -8.36
N LEU A 197 -21.61 -8.87 -8.82
CA LEU A 197 -22.74 -8.07 -8.38
C LEU A 197 -22.93 -8.17 -6.87
N PHE A 198 -23.20 -9.38 -6.37
CA PHE A 198 -23.30 -9.56 -4.92
C PHE A 198 -21.99 -9.18 -4.22
N GLY A 199 -20.86 -9.56 -4.80
CA GLY A 199 -19.58 -9.19 -4.20
C GLY A 199 -19.48 -7.70 -3.94
N CYS A 200 -19.93 -6.89 -4.90
CA CYS A 200 -19.96 -5.44 -4.68
C CYS A 200 -20.97 -5.06 -3.61
N VAL A 201 -22.07 -5.80 -3.52
CA VAL A 201 -23.11 -5.49 -2.54
C VAL A 201 -22.59 -5.78 -1.13
N LEU A 202 -22.18 -7.02 -0.88
CA LEU A 202 -21.70 -7.40 0.44
C LEU A 202 -20.48 -6.60 0.84
N PHE A 203 -19.45 -6.57 -0.02
CA PHE A 203 -18.13 -6.10 0.36
C PHE A 203 -17.88 -4.65 0.01
N VAL A 204 -18.70 -4.03 -0.83
CA VAL A 204 -18.54 -2.64 -1.24
C VAL A 204 -19.77 -1.81 -0.92
N ALA A 205 -20.94 -2.26 -1.38
CA ALA A 205 -22.17 -1.49 -1.17
C ALA A 205 -22.48 -1.31 0.31
N LEU A 206 -22.74 -2.42 1.00
CA LEU A 206 -23.10 -2.33 2.42
C LEU A 206 -22.05 -1.62 3.24
N PRO A 207 -20.79 -2.06 3.27
CA PRO A 207 -19.80 -1.36 4.10
C PRO A 207 -19.63 0.09 3.73
N ALA A 208 -19.83 0.44 2.45
CA ALA A 208 -19.81 1.85 2.08
C ALA A 208 -20.96 2.60 2.71
N VAL A 209 -22.16 2.00 2.71
CA VAL A 209 -23.32 2.63 3.35
C VAL A 209 -23.06 2.81 4.84
N ILE A 210 -22.45 1.81 5.48
CA ILE A 210 -22.17 1.89 6.91
C ILE A 210 -21.16 2.99 7.19
N PHE A 211 -20.10 3.06 6.38
CA PHE A 211 -19.11 4.12 6.55
C PHE A 211 -19.73 5.50 6.33
N LYS A 212 -20.63 5.62 5.36
CA LYS A 212 -21.28 6.89 5.09
C LYS A 212 -21.95 7.45 6.34
N HIS A 213 -22.78 6.63 7.00
CA HIS A 213 -23.47 7.09 8.20
C HIS A 213 -22.52 7.22 9.38
N ILE A 214 -21.81 6.15 9.71
CA ILE A 214 -21.01 6.14 10.93
C ILE A 214 -19.87 7.14 10.83
N GLU A 215 -19.10 7.08 9.74
CA GLU A 215 -17.92 7.93 9.63
C GLU A 215 -18.24 9.36 9.21
N GLY A 216 -19.42 9.61 8.67
CA GLY A 216 -19.74 10.94 8.19
C GLY A 216 -18.95 11.27 6.93
N TRP A 217 -19.05 10.39 5.94
CA TRP A 217 -18.35 10.51 4.68
C TRP A 217 -19.35 10.63 3.55
N SER A 218 -18.87 11.15 2.42
CA SER A 218 -19.72 11.28 1.24
C SER A 218 -20.08 9.90 0.69
N ALA A 219 -21.19 9.85 -0.05
CA ALA A 219 -21.52 8.62 -0.77
C ALA A 219 -20.35 8.18 -1.62
N LEU A 220 -19.67 9.13 -2.26
CA LEU A 220 -18.46 8.82 -3.03
C LEU A 220 -17.28 8.54 -2.11
N ASP A 221 -17.05 9.41 -1.12
CA ASP A 221 -15.92 9.25 -0.23
C ASP A 221 -15.88 7.85 0.38
N ALA A 222 -17.04 7.31 0.73
CA ALA A 222 -17.10 5.95 1.27
C ALA A 222 -16.56 4.93 0.28
N ILE A 223 -17.16 4.88 -0.91
CA ILE A 223 -16.73 3.91 -1.92
C ILE A 223 -15.26 4.12 -2.27
N TYR A 224 -14.83 5.38 -2.32
CA TYR A 224 -13.41 5.67 -2.52
C TYR A 224 -12.56 4.97 -1.46
N PHE A 225 -12.91 5.17 -0.19
CA PHE A 225 -12.19 4.48 0.89
C PHE A 225 -12.15 2.98 0.68
N VAL A 226 -13.32 2.38 0.37
CA VAL A 226 -13.40 0.93 0.24
C VAL A 226 -12.37 0.42 -0.77
N VAL A 227 -12.33 1.06 -1.95
CA VAL A 227 -11.43 0.59 -3.00
C VAL A 227 -9.98 0.88 -2.63
N ILE A 228 -9.70 2.11 -2.18
CA ILE A 228 -8.33 2.44 -1.79
C ILE A 228 -7.82 1.51 -0.72
N THR A 229 -8.71 1.01 0.14
CA THR A 229 -8.30 0.13 1.22
C THR A 229 -8.19 -1.32 0.77
N LEU A 230 -9.28 -1.86 0.21
CA LEU A 230 -9.29 -3.27 -0.15
C LEU A 230 -8.36 -3.58 -1.32
N THR A 231 -7.97 -2.59 -2.11
CA THR A 231 -6.92 -2.77 -3.10
C THR A 231 -5.53 -2.73 -2.49
N THR A 232 -5.43 -2.38 -1.22
CA THR A 232 -4.18 -2.23 -0.45
C THR A 232 -3.48 -0.93 -0.82
N ILE A 233 -4.04 -0.08 -1.68
CA ILE A 233 -3.43 1.21 -1.96
C ILE A 233 -3.23 1.98 -0.65
N GLY A 234 -4.32 2.24 0.06
CA GLY A 234 -4.28 2.86 1.36
C GLY A 234 -3.57 4.19 1.43
N PHE A 235 -4.03 5.18 0.65
CA PHE A 235 -3.43 6.51 0.73
C PHE A 235 -3.35 6.99 2.17
N GLY A 236 -4.36 6.68 2.97
CA GLY A 236 -4.49 7.22 4.30
C GLY A 236 -5.22 8.54 4.38
N ASP A 237 -5.67 9.08 3.24
CA ASP A 237 -6.46 10.30 3.28
C ASP A 237 -7.79 10.09 4.01
N TYR A 238 -8.35 8.88 3.92
CA TYR A 238 -9.54 8.51 4.68
C TYR A 238 -9.24 7.23 5.45
N VAL A 239 -9.35 7.28 6.76
CA VAL A 239 -9.18 6.11 7.63
C VAL A 239 -10.49 5.88 8.37
N ALA A 240 -10.89 4.62 8.45
CA ALA A 240 -12.15 4.29 9.09
C ALA A 240 -12.10 4.43 10.60
N GLY A 241 -11.05 5.00 11.17
CA GLY A 241 -10.97 5.18 12.61
C GLY A 241 -10.36 6.47 13.11
N GLY A 242 -10.19 7.46 12.24
CA GLY A 242 -9.76 8.77 12.69
C GLY A 242 -10.89 9.48 13.41
N SER A 243 -10.91 10.82 13.42
CA SER A 243 -12.11 11.47 13.92
C SER A 243 -12.37 11.08 15.37
N ASP A 244 -11.68 11.72 16.31
CA ASP A 244 -11.11 11.10 17.50
C ASP A 244 -11.81 9.83 17.96
N ILE A 245 -13.10 9.89 18.26
CA ILE A 245 -13.82 8.69 18.65
C ILE A 245 -15.32 8.94 18.64
N GLU A 246 -16.08 7.98 18.13
CA GLU A 246 -17.54 8.10 18.24
C GLU A 246 -18.22 6.84 18.74
N TYR A 247 -17.75 5.65 18.37
CA TYR A 247 -18.48 4.43 18.68
C TYR A 247 -17.60 3.53 19.55
N LEU A 248 -18.17 2.40 19.96
CA LEU A 248 -17.41 1.37 20.67
C LEU A 248 -18.04 0.00 20.42
N ASP A 249 -17.17 -1.01 20.27
CA ASP A 249 -17.40 -2.43 20.50
C ASP A 249 -18.26 -3.13 19.45
N PHE A 250 -18.84 -2.41 18.50
CA PHE A 250 -19.60 -3.04 17.44
C PHE A 250 -19.16 -2.58 16.06
N TYR A 251 -18.16 -1.71 15.96
CA TYR A 251 -17.80 -1.10 14.69
C TYR A 251 -16.40 -1.52 14.23
N LYS A 252 -15.35 -1.29 15.03
CA LYS A 252 -14.01 -1.66 14.59
C LYS A 252 -13.86 -3.15 14.38
N PRO A 253 -14.39 -4.02 15.23
CA PRO A 253 -14.31 -5.46 14.92
C PRO A 253 -14.94 -5.80 13.58
N VAL A 254 -16.11 -5.24 13.27
CA VAL A 254 -16.73 -5.49 11.98
C VAL A 254 -15.83 -5.00 10.85
N VAL A 255 -15.32 -3.77 10.98
CA VAL A 255 -14.42 -3.23 9.98
C VAL A 255 -13.22 -4.15 9.78
N TRP A 256 -12.61 -4.59 10.89
CA TRP A 256 -11.41 -5.43 10.79
C TRP A 256 -11.71 -6.66 9.95
N PHE A 257 -12.70 -7.43 10.37
CA PHE A 257 -13.14 -8.61 9.63
C PHE A 257 -13.68 -8.26 8.26
N TRP A 258 -14.26 -7.07 8.10
CA TRP A 258 -14.53 -6.56 6.76
C TRP A 258 -13.27 -6.58 5.91
N ILE A 259 -12.18 -6.02 6.44
CA ILE A 259 -10.90 -6.05 5.73
C ILE A 259 -10.47 -7.48 5.46
N LEU A 260 -10.48 -8.31 6.50
CA LEU A 260 -10.00 -9.68 6.36
C LEU A 260 -10.67 -10.40 5.20
N VAL A 261 -11.94 -10.10 4.92
CA VAL A 261 -12.67 -10.75 3.86
C VAL A 261 -12.70 -9.91 2.59
N GLY A 262 -12.87 -8.60 2.74
CA GLY A 262 -12.83 -7.73 1.56
C GLY A 262 -11.54 -7.87 0.77
N LEU A 263 -10.41 -7.90 1.48
CA LEU A 263 -9.12 -8.08 0.82
C LEU A 263 -9.12 -9.34 -0.05
N ALA A 264 -9.58 -10.46 0.51
CA ALA A 264 -9.69 -11.68 -0.29
C ALA A 264 -10.60 -11.47 -1.49
N TYR A 265 -11.63 -10.64 -1.36
CA TYR A 265 -12.56 -10.44 -2.47
C TYR A 265 -11.89 -9.66 -3.60
N PHE A 266 -11.19 -8.57 -3.28
CA PHE A 266 -10.49 -7.86 -4.34
C PHE A 266 -9.33 -8.69 -4.90
N ALA A 267 -8.66 -9.46 -4.05
CA ALA A 267 -7.63 -10.36 -4.53
C ALA A 267 -8.16 -11.22 -5.68
N ALA A 268 -9.37 -11.75 -5.52
CA ALA A 268 -10.00 -12.49 -6.61
C ALA A 268 -10.39 -11.56 -7.75
N VAL A 269 -11.04 -10.44 -7.43
CA VAL A 269 -11.51 -9.52 -8.46
C VAL A 269 -10.35 -9.06 -9.34
N LEU A 270 -9.30 -8.51 -8.71
CA LEU A 270 -8.13 -8.09 -9.46
C LEU A 270 -7.60 -9.20 -10.36
N SER A 271 -7.62 -10.43 -9.86
CA SER A 271 -7.11 -11.55 -10.66
C SER A 271 -7.99 -11.79 -11.88
N MET A 272 -9.31 -11.64 -11.75
CA MET A 272 -10.18 -11.76 -12.91
C MET A 272 -9.88 -10.66 -13.92
N ILE A 273 -9.88 -9.40 -13.46
CA ILE A 273 -9.54 -8.30 -14.36
C ILE A 273 -8.22 -8.58 -15.05
N GLY A 274 -7.28 -9.21 -14.35
CA GLY A 274 -6.05 -9.63 -15.00
C GLY A 274 -6.30 -10.64 -16.10
N ASP A 275 -7.21 -11.58 -15.87
CA ASP A 275 -7.57 -12.54 -16.91
C ASP A 275 -8.29 -11.84 -18.06
N TRP A 276 -9.29 -11.01 -17.75
CA TRP A 276 -9.95 -10.23 -18.78
C TRP A 276 -8.95 -9.54 -19.68
N LEU A 277 -8.03 -8.79 -19.08
CA LEU A 277 -7.02 -8.09 -19.85
C LEU A 277 -6.22 -9.05 -20.73
N ARG A 278 -5.85 -10.20 -20.16
CA ARG A 278 -5.12 -11.20 -20.94
C ARG A 278 -5.92 -11.63 -22.16
N VAL A 279 -7.23 -11.81 -22.01
CA VAL A 279 -8.08 -12.13 -23.15
C VAL A 279 -8.04 -11.00 -24.17
N ILE A 280 -8.39 -9.78 -23.73
CA ILE A 280 -8.41 -8.63 -24.62
C ILE A 280 -7.08 -8.48 -25.37
N ALA A 281 -5.98 -8.82 -24.72
CA ALA A 281 -4.67 -8.70 -25.37
C ALA A 281 -4.59 -9.61 -26.58
N LYS A 282 -4.92 -10.90 -26.41
CA LYS A 282 -4.84 -11.83 -27.53
C LYS A 282 -5.89 -11.51 -28.59
N LYS A 283 -7.08 -11.10 -28.16
CA LYS A 283 -8.09 -10.69 -29.14
C LYS A 283 -7.60 -9.51 -29.96
N THR A 284 -7.02 -8.50 -29.30
CA THR A 284 -6.46 -7.37 -30.03
C THR A 284 -5.24 -7.78 -30.83
N LYS A 285 -4.47 -8.75 -30.36
CA LYS A 285 -3.36 -9.27 -31.15
C LYS A 285 -3.86 -9.85 -32.47
N GLU A 286 -4.94 -10.63 -32.43
CA GLU A 286 -5.46 -11.26 -33.63
C GLU A 286 -6.22 -10.27 -34.51
N ALA A 287 -6.88 -9.28 -33.90
CA ALA A 287 -7.53 -8.24 -34.68
C ALA A 287 -6.51 -7.38 -35.42
N VAL A 288 -5.30 -7.25 -34.88
CA VAL A 288 -4.25 -6.51 -35.58
C VAL A 288 -3.78 -7.28 -36.79
N GLY A 289 -3.47 -8.57 -36.62
CA GLY A 289 -3.18 -9.41 -37.78
C GLY A 289 -4.34 -9.48 -38.74
N GLU A 290 -5.56 -9.28 -38.23
CA GLU A 290 -6.74 -9.18 -39.08
C GLU A 290 -6.62 -8.00 -40.03
N PHE A 291 -6.42 -6.80 -39.46
CA PHE A 291 -6.26 -5.60 -40.27
C PHE A 291 -5.10 -5.75 -41.25
N ARG A 292 -3.94 -6.21 -40.78
CA ARG A 292 -2.78 -6.32 -41.66
C ARG A 292 -3.07 -7.23 -42.85
N ALA A 293 -3.72 -8.38 -42.60
CA ALA A 293 -3.99 -9.32 -43.68
C ALA A 293 -4.78 -8.65 -44.80
N HIS A 294 -5.79 -7.85 -44.44
CA HIS A 294 -6.58 -7.16 -45.47
C HIS A 294 -5.79 -6.06 -46.13
N ALA A 295 -5.16 -5.19 -45.35
CA ALA A 295 -4.34 -4.12 -45.92
C ALA A 295 -3.35 -4.69 -46.93
N ALA A 296 -2.69 -5.80 -46.59
CA ALA A 296 -1.80 -6.46 -47.54
C ALA A 296 -2.59 -7.07 -48.68
N GLU A 297 -3.59 -7.90 -48.36
CA GLU A 297 -4.44 -8.50 -49.38
C GLU A 297 -5.11 -7.45 -50.24
N TRP A 298 -5.28 -6.22 -49.73
CA TRP A 298 -5.80 -5.14 -50.54
C TRP A 298 -4.71 -4.50 -51.40
N THR A 299 -3.61 -4.07 -50.77
CA THR A 299 -2.57 -3.36 -51.50
C THR A 299 -2.05 -4.15 -52.68
N ALA A 300 -2.15 -5.49 -52.63
CA ALA A 300 -1.73 -6.32 -53.74
C ALA A 300 -2.48 -6.02 -55.04
N ASN A 301 -3.55 -5.22 -54.98
CA ASN A 301 -4.32 -4.89 -56.17
C ASN A 301 -3.67 -3.75 -56.94
N SER B 18 -15.56 -33.39 1.04
CA SER B 18 -15.89 -32.63 2.24
C SER B 18 -15.01 -33.05 3.40
N ALA B 19 -14.50 -34.29 3.33
CA ALA B 19 -13.59 -34.76 4.36
C ALA B 19 -12.38 -33.85 4.51
N ILE B 20 -11.98 -33.18 3.42
CA ILE B 20 -10.88 -32.22 3.48
C ILE B 20 -11.37 -30.83 3.90
N ASN B 21 -12.63 -30.50 3.64
CA ASN B 21 -13.15 -29.18 3.99
C ASN B 21 -13.03 -28.93 5.49
N VAL B 22 -13.11 -29.98 6.30
CA VAL B 22 -12.98 -29.82 7.75
C VAL B 22 -11.54 -29.45 8.11
N MET B 23 -10.57 -30.16 7.52
CA MET B 23 -9.19 -29.92 7.87
C MET B 23 -8.69 -28.57 7.36
N LYS B 24 -9.12 -28.17 6.16
CA LYS B 24 -8.75 -26.84 5.67
C LYS B 24 -9.31 -25.75 6.58
N TRP B 25 -10.59 -25.85 6.93
CA TRP B 25 -11.17 -24.92 7.89
C TRP B 25 -10.42 -24.94 9.22
N LYS B 26 -9.93 -26.12 9.63
CA LYS B 26 -9.20 -26.18 10.89
C LYS B 26 -7.88 -25.43 10.79
N THR B 27 -7.22 -25.48 9.64
CA THR B 27 -5.95 -24.76 9.48
C THR B 27 -6.18 -23.26 9.38
N VAL B 28 -7.20 -22.85 8.63
CA VAL B 28 -7.52 -21.42 8.53
C VAL B 28 -7.75 -20.85 9.91
N SER B 29 -8.64 -21.49 10.69
CA SER B 29 -8.94 -21.00 12.03
C SER B 29 -7.68 -20.93 12.88
N THR B 30 -6.83 -21.95 12.80
CA THR B 30 -5.59 -21.91 13.58
C THR B 30 -4.69 -20.77 13.12
N ILE B 31 -4.65 -20.51 11.81
CA ILE B 31 -3.81 -19.44 11.29
C ILE B 31 -4.36 -18.08 11.71
N PHE B 32 -5.68 -17.89 11.57
CA PHE B 32 -6.33 -16.68 12.07
C PHE B 32 -5.96 -16.39 13.53
N LEU B 33 -6.12 -17.39 14.40
CA LEU B 33 -5.76 -17.18 15.80
C LEU B 33 -4.28 -16.82 15.93
N VAL B 34 -3.42 -17.47 15.15
CA VAL B 34 -2.00 -17.09 15.15
C VAL B 34 -1.84 -15.65 14.72
N VAL B 35 -2.62 -15.23 13.72
CA VAL B 35 -2.55 -13.84 13.26
C VAL B 35 -2.99 -12.89 14.37
N VAL B 36 -4.09 -13.24 15.07
CA VAL B 36 -4.54 -12.41 16.18
C VAL B 36 -3.41 -12.22 17.19
N LEU B 37 -2.79 -13.33 17.61
CA LEU B 37 -1.71 -13.23 18.57
C LEU B 37 -0.54 -12.43 18.01
N TYR B 38 -0.29 -12.53 16.70
CA TYR B 38 0.83 -11.80 16.10
C TYR B 38 0.56 -10.30 16.10
N LEU B 39 -0.70 -9.90 15.88
CA LEU B 39 -1.06 -8.50 16.01
C LEU B 39 -0.93 -8.03 17.45
N ILE B 40 -1.34 -8.87 18.41
CA ILE B 40 -1.30 -8.49 19.81
C ILE B 40 0.15 -8.24 20.25
N ILE B 41 1.06 -9.14 19.88
CA ILE B 41 2.45 -8.96 20.24
C ILE B 41 3.05 -7.76 19.52
N GLY B 42 2.61 -7.49 18.29
CA GLY B 42 3.11 -6.34 17.57
C GLY B 42 2.63 -5.03 18.17
N ALA B 43 1.32 -4.91 18.36
CA ALA B 43 0.76 -3.70 18.95
C ALA B 43 1.42 -3.37 20.29
N THR B 44 1.61 -4.39 21.14
CA THR B 44 2.24 -4.16 22.43
C THR B 44 3.65 -3.59 22.27
N VAL B 45 4.41 -4.09 21.30
CA VAL B 45 5.79 -3.66 21.15
C VAL B 45 5.86 -2.25 20.58
N PHE B 46 4.93 -1.89 19.69
CA PHE B 46 4.91 -0.53 19.18
C PHE B 46 4.41 0.44 20.24
N LYS B 47 3.31 0.09 20.93
CA LYS B 47 2.83 0.94 22.02
C LYS B 47 3.94 1.24 23.02
N ALA B 48 4.61 0.20 23.51
CA ALA B 48 5.65 0.41 24.52
C ALA B 48 6.82 1.22 23.99
N LEU B 49 7.00 1.30 22.67
CA LEU B 49 8.17 1.94 22.10
C LEU B 49 7.85 3.24 21.36
N GLU B 50 6.58 3.60 21.20
CA GLU B 50 6.19 4.83 20.54
C GLU B 50 5.40 5.78 21.41
N GLN B 51 4.62 5.28 22.36
CA GLN B 51 3.75 6.11 23.18
C GLN B 51 4.54 7.03 24.10
N PRO B 52 5.73 6.63 24.60
CA PRO B 52 6.54 7.55 25.42
C PRO B 52 6.87 8.84 24.70
N GLN B 53 7.55 8.75 23.54
CA GLN B 53 7.83 9.95 22.76
C GLN B 53 6.55 10.68 22.39
N GLU B 54 5.45 9.94 22.21
CA GLU B 54 4.16 10.58 21.97
C GLU B 54 3.78 11.50 23.13
N ILE B 55 3.80 10.96 24.35
CA ILE B 55 3.42 11.76 25.52
C ILE B 55 4.42 12.88 25.75
N SER B 56 5.71 12.61 25.52
CA SER B 56 6.72 13.67 25.65
C SER B 56 6.42 14.82 24.70
N GLN B 57 5.98 14.52 23.47
CA GLN B 57 5.64 15.57 22.52
C GLN B 57 4.24 16.12 22.76
N ARG B 58 3.33 15.29 23.29
CA ARG B 58 1.98 15.76 23.57
C ARG B 58 1.97 16.79 24.70
N THR B 59 2.95 16.74 25.60
CA THR B 59 3.05 17.71 26.68
C THR B 59 3.85 18.94 26.28
N THR B 60 4.90 18.77 25.49
CA THR B 60 5.69 19.91 25.04
C THR B 60 4.95 20.75 24.01
N ILE B 61 4.00 20.17 23.28
CA ILE B 61 3.18 20.96 22.37
C ILE B 61 2.18 21.80 23.14
N VAL B 62 1.65 21.27 24.25
CA VAL B 62 0.78 22.07 25.10
C VAL B 62 1.58 23.17 25.80
N ILE B 63 2.85 22.88 26.14
CA ILE B 63 3.72 23.92 26.68
C ILE B 63 3.87 25.05 25.68
N GLN B 64 3.99 24.72 24.39
CA GLN B 64 4.10 25.76 23.36
C GLN B 64 2.79 26.52 23.19
N ARG B 65 1.65 25.83 23.25
CA ARG B 65 0.38 26.55 23.16
C ARG B 65 0.22 27.55 24.30
N GLU B 66 0.55 27.15 25.53
CA GLU B 66 0.44 28.08 26.64
C GLU B 66 1.39 29.25 26.47
N LYS B 67 2.63 28.99 26.05
CA LYS B 67 3.56 30.07 25.74
C LYS B 67 2.99 31.00 24.67
N PHE B 68 2.20 30.45 23.74
CA PHE B 68 1.58 31.26 22.70
C PHE B 68 0.32 31.95 23.21
N LEU B 69 -0.56 31.21 23.88
CA LEU B 69 -1.79 31.80 24.40
C LEU B 69 -1.50 32.89 25.43
N ARG B 70 -0.54 32.66 26.33
CA ARG B 70 -0.35 33.62 27.41
C ARG B 70 0.49 34.82 26.99
N ALA B 71 1.49 34.62 26.14
CA ALA B 71 2.29 35.75 25.67
C ALA B 71 1.41 36.80 24.97
N HIS B 72 0.32 36.36 24.36
CA HIS B 72 -0.64 37.25 23.72
C HIS B 72 -1.96 36.53 23.53
N PRO B 73 -2.73 36.32 24.62
CA PRO B 73 -4.03 35.66 24.52
C PRO B 73 -5.04 36.56 23.85
N CYS B 74 -4.69 37.04 22.67
CA CYS B 74 -5.43 38.10 22.03
C CYS B 74 -6.77 37.54 21.56
N VAL B 75 -7.69 38.43 21.21
CA VAL B 75 -9.12 38.10 21.18
C VAL B 75 -9.40 36.73 20.55
N SER B 76 -8.52 36.28 19.67
CA SER B 76 -8.70 35.00 18.97
C SER B 76 -8.21 33.79 19.79
N ASP B 77 -8.07 33.90 21.11
CA ASP B 77 -7.53 32.79 21.88
C ASP B 77 -8.41 31.54 21.75
N GLN B 78 -9.73 31.73 21.69
CA GLN B 78 -10.64 30.61 21.46
C GLN B 78 -10.73 30.22 19.99
N GLU B 79 -10.38 31.14 19.09
CA GLU B 79 -10.35 30.86 17.66
C GLU B 79 -9.02 30.28 17.19
N LEU B 80 -8.13 29.94 18.12
CA LEU B 80 -6.84 29.35 17.75
C LEU B 80 -7.04 27.99 17.09
N ASP B 81 -7.64 27.04 17.82
CA ASP B 81 -7.94 25.74 17.25
C ASP B 81 -8.67 25.86 15.92
N GLU B 82 -9.36 26.98 15.70
CA GLU B 82 -9.97 27.24 14.40
C GLU B 82 -8.91 27.23 13.31
N LEU B 83 -7.85 28.03 13.50
CA LEU B 83 -6.73 28.08 12.57
C LEU B 83 -6.09 26.72 12.39
N ILE B 84 -5.75 26.06 13.51
CA ILE B 84 -5.05 24.79 13.44
C ILE B 84 -5.86 23.75 12.67
N GLN B 85 -7.18 23.89 12.67
CA GLN B 85 -8.02 23.01 11.85
C GLN B 85 -7.89 23.35 10.38
N GLN B 86 -7.74 24.63 10.05
CA GLN B 86 -7.64 25.03 8.64
C GLN B 86 -6.31 24.63 8.04
N ILE B 87 -5.23 24.68 8.84
CA ILE B 87 -3.91 24.34 8.32
C ILE B 87 -3.70 22.83 8.29
N VAL B 88 -4.25 22.11 9.28
CA VAL B 88 -4.21 20.65 9.21
C VAL B 88 -4.95 20.15 7.99
N ALA B 89 -6.13 20.73 7.72
CA ALA B 89 -6.84 20.43 6.48
C ALA B 89 -6.02 20.85 5.28
N ALA B 90 -5.41 22.03 5.35
CA ALA B 90 -4.46 22.44 4.31
C ALA B 90 -3.21 21.59 4.31
N ASP B 91 -2.95 20.90 5.42
CA ASP B 91 -1.80 19.99 5.48
C ASP B 91 -1.99 18.80 4.56
N ASN B 92 -3.16 18.16 4.61
CA ASN B 92 -3.45 17.04 3.73
C ASN B 92 -3.14 17.40 2.28
N ALA B 93 -3.34 18.66 1.90
CA ALA B 93 -2.85 19.18 0.62
C ALA B 93 -1.46 19.77 0.73
N GLY B 94 -0.84 19.71 1.91
CA GLY B 94 0.50 20.21 2.11
C GLY B 94 0.73 21.60 1.54
N ILE B 95 -0.04 22.57 2.02
CA ILE B 95 0.07 23.94 1.51
C ILE B 95 1.30 24.60 2.10
N ILE B 96 1.91 25.49 1.33
CA ILE B 96 3.18 26.10 1.71
C ILE B 96 2.93 27.57 2.03
N PRO B 97 2.40 27.89 3.21
CA PRO B 97 2.03 29.27 3.58
C PRO B 97 3.26 30.13 3.89
N VAL B 105 5.56 25.59 -6.40
CA VAL B 105 5.59 24.41 -7.24
C VAL B 105 4.31 23.60 -7.05
N SER B 106 3.78 23.06 -8.14
CA SER B 106 2.55 22.27 -8.09
C SER B 106 2.86 20.83 -7.71
N HIS B 107 1.97 20.25 -6.92
CA HIS B 107 2.04 18.84 -6.58
C HIS B 107 1.21 17.97 -7.52
N TRP B 108 0.52 18.60 -8.48
CA TRP B 108 -0.18 17.88 -9.54
C TRP B 108 0.33 18.29 -10.92
N ASP B 109 1.58 18.76 -10.99
CA ASP B 109 2.19 19.14 -12.24
C ASP B 109 2.41 17.90 -13.11
N LEU B 110 2.99 18.10 -14.28
CA LEU B 110 3.16 17.01 -15.24
C LEU B 110 3.77 15.78 -14.59
N GLY B 111 4.92 15.94 -13.93
CA GLY B 111 5.64 14.81 -13.36
C GLY B 111 5.03 14.24 -12.10
N SER B 112 4.59 15.12 -11.18
CA SER B 112 4.06 14.64 -9.91
C SER B 112 2.85 13.75 -10.13
N SER B 113 1.94 14.14 -11.03
CA SER B 113 0.80 13.28 -11.32
C SER B 113 1.25 11.97 -11.94
N PHE B 114 2.38 11.97 -12.66
CA PHE B 114 2.93 10.73 -13.18
C PHE B 114 3.40 9.83 -12.05
N PHE B 115 4.02 10.39 -11.02
CA PHE B 115 4.43 9.61 -9.87
CA PHE B 115 4.43 9.61 -9.87
C PHE B 115 3.22 9.12 -9.06
N PHE B 116 2.16 9.92 -9.00
CA PHE B 116 0.94 9.50 -8.32
C PHE B 116 0.39 8.22 -8.91
N ALA B 117 0.13 8.21 -10.22
CA ALA B 117 -0.36 7.01 -10.87
C ALA B 117 0.55 5.82 -10.59
N GLY B 118 1.86 6.06 -10.49
CA GLY B 118 2.78 5.01 -10.12
C GLY B 118 2.53 4.51 -8.71
N THR B 119 2.28 5.42 -7.76
CA THR B 119 1.93 5.01 -6.42
C THR B 119 0.59 4.29 -6.37
N VAL B 120 -0.26 4.49 -7.38
CA VAL B 120 -1.56 3.83 -7.39
C VAL B 120 -1.44 2.40 -7.91
N ILE B 121 -0.91 2.24 -9.12
CA ILE B 121 -0.88 0.92 -9.73
C ILE B 121 0.09 -0.04 -9.04
N THR B 122 1.09 0.49 -8.33
CA THR B 122 1.96 -0.36 -7.53
C THR B 122 1.40 -0.63 -6.14
N THR B 123 0.25 -0.06 -5.81
CA THR B 123 -0.39 -0.14 -4.50
C THR B 123 0.54 0.29 -3.36
N ILE B 124 1.64 0.97 -3.68
CA ILE B 124 2.46 1.57 -2.64
C ILE B 124 1.67 2.65 -1.91
N GLY B 125 0.96 3.49 -2.65
CA GLY B 125 0.07 4.50 -2.09
C GLY B 125 0.63 5.29 -0.94
N PHE B 126 1.76 5.99 -1.16
CA PHE B 126 2.32 6.85 -0.12
C PHE B 126 1.27 7.81 0.44
N GLY B 127 0.36 8.28 -0.41
CA GLY B 127 -0.75 9.12 0.03
C GLY B 127 -0.42 10.58 0.24
N ASN B 128 0.86 10.94 0.37
CA ASN B 128 1.27 12.33 0.58
C ASN B 128 0.48 13.30 -0.29
N ILE B 129 0.25 12.94 -1.55
CA ILE B 129 -0.60 13.71 -2.45
C ILE B 129 -1.66 12.77 -3.01
N SER B 130 -2.92 13.11 -2.75
CA SER B 130 -4.06 12.30 -3.18
C SER B 130 -5.09 13.23 -3.81
N PRO B 131 -5.99 12.68 -4.62
CA PRO B 131 -7.00 13.52 -5.28
C PRO B 131 -7.95 14.13 -4.27
N ARG B 132 -8.51 15.28 -4.65
CA ARG B 132 -9.50 15.95 -3.84
C ARG B 132 -10.81 16.20 -4.57
N THR B 133 -10.86 15.97 -5.87
CA THR B 133 -12.05 16.18 -6.67
C THR B 133 -12.80 14.87 -6.86
N GLU B 134 -14.13 14.97 -6.91
CA GLU B 134 -14.93 13.79 -7.21
C GLU B 134 -14.49 13.12 -8.51
N GLY B 135 -14.20 13.93 -9.53
CA GLY B 135 -13.67 13.36 -10.76
C GLY B 135 -12.34 12.66 -10.54
N GLY B 136 -11.43 13.31 -9.81
CA GLY B 136 -10.17 12.67 -9.50
C GLY B 136 -10.34 11.37 -8.75
N LYS B 137 -11.27 11.34 -7.80
CA LYS B 137 -11.50 10.13 -7.02
C LYS B 137 -12.11 9.02 -7.87
N ILE B 138 -13.07 9.37 -8.73
CA ILE B 138 -13.74 8.35 -9.53
C ILE B 138 -12.79 7.77 -10.55
N PHE B 139 -11.96 8.61 -11.17
CA PHE B 139 -10.94 8.09 -12.09
C PHE B 139 -9.92 7.23 -11.35
N CYS B 140 -9.55 7.64 -10.13
CA CYS B 140 -8.57 6.87 -9.37
C CYS B 140 -9.08 5.48 -9.06
N ILE B 141 -10.37 5.34 -8.74
CA ILE B 141 -10.95 4.01 -8.55
C ILE B 141 -10.82 3.19 -9.82
N ILE B 142 -11.30 3.72 -10.95
CA ILE B 142 -11.19 3.01 -12.20
C ILE B 142 -9.71 2.78 -12.55
N TYR B 143 -8.87 3.78 -12.30
CA TYR B 143 -7.47 3.68 -12.70
C TYR B 143 -6.79 2.52 -11.96
N ALA B 144 -7.09 2.37 -10.68
CA ALA B 144 -6.52 1.26 -9.91
C ALA B 144 -7.16 -0.07 -10.32
N LEU B 145 -8.48 -0.08 -10.52
CA LEU B 145 -9.16 -1.32 -10.90
C LEU B 145 -8.56 -1.90 -12.17
N LEU B 146 -8.19 -1.05 -13.13
CA LEU B 146 -7.53 -1.52 -14.34
C LEU B 146 -6.02 -1.56 -14.18
N GLY B 147 -5.44 -0.58 -13.47
CA GLY B 147 -3.99 -0.45 -13.45
C GLY B 147 -3.30 -1.53 -12.64
N ILE B 148 -3.88 -1.91 -11.51
CA ILE B 148 -3.25 -2.88 -10.61
C ILE B 148 -3.01 -4.20 -11.35
N PRO B 149 -4.06 -4.84 -11.89
CA PRO B 149 -3.81 -6.07 -12.67
C PRO B 149 -2.79 -5.88 -13.78
N LEU B 150 -2.91 -4.78 -14.54
CA LEU B 150 -1.95 -4.51 -15.61
C LEU B 150 -0.52 -4.54 -15.10
N PHE B 151 -0.22 -3.68 -14.13
CA PHE B 151 1.14 -3.62 -13.58
C PHE B 151 1.59 -4.99 -13.08
N GLY B 152 0.63 -5.83 -12.67
CA GLY B 152 0.99 -7.17 -12.21
C GLY B 152 1.70 -7.97 -13.27
N PHE B 153 1.23 -7.88 -14.52
CA PHE B 153 1.91 -8.56 -15.61
C PHE B 153 3.34 -8.04 -15.76
N LEU B 154 3.49 -6.71 -15.80
CA LEU B 154 4.82 -6.13 -15.90
C LEU B 154 5.73 -6.64 -14.78
N LEU B 155 5.25 -6.59 -13.54
CA LEU B 155 6.07 -7.02 -12.42
C LEU B 155 6.40 -8.50 -12.52
N ALA B 156 5.45 -9.30 -13.00
CA ALA B 156 5.76 -10.71 -13.27
C ALA B 156 6.84 -10.83 -14.34
N GLY B 157 6.63 -10.21 -15.50
CA GLY B 157 7.65 -10.21 -16.53
C GLY B 157 8.99 -9.75 -16.00
N VAL B 158 9.00 -8.68 -15.20
CA VAL B 158 10.25 -8.23 -14.60
C VAL B 158 10.81 -9.29 -13.67
N GLY B 159 9.94 -9.97 -12.92
CA GLY B 159 10.40 -11.03 -12.04
C GLY B 159 11.03 -12.17 -12.80
N ASP B 160 10.31 -12.72 -13.79
CA ASP B 160 10.87 -13.77 -14.64
C ASP B 160 12.18 -13.32 -15.28
N GLN B 161 12.17 -12.16 -15.94
CA GLN B 161 13.36 -11.69 -16.63
C GLN B 161 14.54 -11.63 -15.67
N LEU B 162 14.35 -11.02 -14.51
CA LEU B 162 15.42 -10.98 -13.51
C LEU B 162 15.71 -12.38 -12.97
N GLY B 163 14.71 -13.25 -12.93
CA GLY B 163 14.94 -14.61 -12.46
C GLY B 163 15.85 -15.40 -13.37
N THR B 164 15.71 -15.21 -14.70
CA THR B 164 16.59 -15.89 -15.64
C THR B 164 17.98 -15.27 -15.72
N ILE B 165 18.12 -13.98 -15.36
CA ILE B 165 19.44 -13.40 -15.28
C ILE B 165 20.22 -13.97 -14.10
N PHE B 166 19.51 -14.30 -13.02
CA PHE B 166 20.15 -15.00 -11.91
C PHE B 166 20.35 -16.48 -12.21
N GLY B 167 19.55 -17.05 -13.10
CA GLY B 167 19.77 -18.42 -13.52
C GLY B 167 20.98 -18.57 -14.40
N LYS B 168 21.23 -17.58 -15.28
CA LYS B 168 22.46 -17.57 -16.05
C LYS B 168 23.68 -17.34 -15.17
N GLY B 169 23.54 -16.50 -14.14
CA GLY B 169 24.66 -16.24 -13.25
C GLY B 169 24.86 -17.30 -12.19
N ILE B 170 23.77 -17.95 -11.77
CA ILE B 170 23.89 -18.99 -10.75
C ILE B 170 24.54 -20.25 -11.30
N ALA B 171 24.52 -20.43 -12.62
CA ALA B 171 25.16 -21.60 -13.22
C ALA B 171 26.68 -21.49 -13.16
N LYS B 172 27.21 -20.29 -13.38
CA LYS B 172 28.66 -20.11 -13.30
C LYS B 172 29.18 -20.38 -11.88
N VAL B 173 28.50 -19.83 -10.88
CA VAL B 173 29.01 -19.87 -9.51
C VAL B 173 28.65 -21.17 -8.78
N GLU B 174 27.66 -21.92 -9.28
CA GLU B 174 27.36 -23.22 -8.69
C GLU B 174 28.23 -24.34 -9.23
N ASP B 175 28.87 -24.16 -10.39
CA ASP B 175 29.78 -25.17 -10.90
C ASP B 175 31.18 -25.03 -10.33
N THR B 176 31.55 -23.84 -9.84
CA THR B 176 32.79 -23.70 -9.09
C THR B 176 32.67 -24.32 -7.71
N PHE B 177 31.46 -24.42 -7.18
CA PHE B 177 31.20 -25.13 -5.93
C PHE B 177 30.82 -26.59 -6.14
N ILE B 178 30.70 -27.04 -7.39
CA ILE B 178 30.40 -28.44 -7.68
C ILE B 178 31.73 -29.17 -7.90
N LYS B 179 32.84 -28.50 -7.58
CA LYS B 179 34.13 -29.16 -7.67
C LYS B 179 34.19 -30.40 -6.81
N TRP B 180 33.43 -30.44 -5.72
CA TRP B 180 33.56 -31.53 -4.76
C TRP B 180 32.29 -32.36 -4.69
N GLN B 184 23.85 -31.28 -4.41
CA GLN B 184 22.51 -31.36 -4.98
C GLN B 184 21.49 -30.70 -4.06
N THR B 185 21.28 -31.32 -2.90
CA THR B 185 20.34 -30.80 -1.90
C THR B 185 20.98 -29.82 -0.94
N LYS B 186 22.31 -29.64 -0.99
CA LYS B 186 22.99 -28.70 -0.12
C LYS B 186 23.49 -27.46 -0.84
N ILE B 187 23.79 -27.56 -2.15
CA ILE B 187 24.17 -26.39 -2.90
C ILE B 187 23.01 -25.44 -3.08
N ARG B 188 21.77 -25.91 -2.91
CA ARG B 188 20.62 -25.03 -3.01
C ARG B 188 20.67 -23.91 -1.98
N ILE B 189 21.27 -24.18 -0.81
CA ILE B 189 21.35 -23.15 0.22
C ILE B 189 22.40 -22.10 -0.14
N ILE B 190 23.52 -22.52 -0.74
CA ILE B 190 24.54 -21.57 -1.16
C ILE B 190 23.97 -20.64 -2.23
N SER B 191 23.12 -21.17 -3.11
CA SER B 191 22.52 -20.33 -4.15
C SER B 191 21.61 -19.28 -3.55
N THR B 192 20.73 -19.67 -2.62
CA THR B 192 19.82 -18.71 -2.01
C THR B 192 20.58 -17.66 -1.21
N ILE B 193 21.68 -18.03 -0.59
CA ILE B 193 22.47 -17.06 0.18
C ILE B 193 22.99 -15.97 -0.74
N ILE B 194 23.59 -16.35 -1.88
CA ILE B 194 24.12 -15.36 -2.81
C ILE B 194 22.99 -14.50 -3.35
N PHE B 195 21.80 -15.10 -3.53
CA PHE B 195 20.63 -14.34 -3.92
C PHE B 195 20.35 -13.21 -2.92
N ILE B 196 20.08 -13.58 -1.66
CA ILE B 196 19.85 -12.59 -0.63
C ILE B 196 20.98 -11.57 -0.58
N LEU B 197 22.22 -12.05 -0.72
CA LEU B 197 23.38 -11.17 -0.62
C LEU B 197 23.34 -10.10 -1.71
N PHE B 198 23.47 -10.50 -2.98
CA PHE B 198 23.35 -9.54 -4.07
C PHE B 198 22.02 -8.80 -4.02
N GLY B 199 20.95 -9.48 -3.60
CA GLY B 199 19.67 -8.82 -3.46
C GLY B 199 19.74 -7.63 -2.53
N CYS B 200 20.21 -7.85 -1.31
CA CYS B 200 20.35 -6.75 -0.35
C CYS B 200 21.31 -5.69 -0.88
N VAL B 201 22.38 -6.12 -1.56
CA VAL B 201 23.37 -5.16 -2.06
C VAL B 201 22.73 -4.23 -3.08
N LEU B 202 22.23 -4.79 -4.17
CA LEU B 202 21.75 -3.96 -5.27
C LEU B 202 20.47 -3.22 -4.91
N PHE B 203 19.55 -3.90 -4.23
CA PHE B 203 18.19 -3.40 -4.11
C PHE B 203 17.91 -2.72 -2.79
N VAL B 204 18.80 -2.84 -1.81
CA VAL B 204 18.60 -2.21 -0.51
C VAL B 204 19.79 -1.33 -0.17
N ALA B 205 21.00 -1.92 -0.21
CA ALA B 205 22.20 -1.19 0.21
C ALA B 205 22.47 0.01 -0.69
N LEU B 206 22.69 -0.23 -1.99
CA LEU B 206 23.03 0.85 -2.90
C LEU B 206 21.95 1.92 -2.88
N PRO B 207 20.70 1.58 -3.18
CA PRO B 207 19.66 2.62 -3.24
C PRO B 207 19.47 3.34 -1.91
N ALA B 208 19.54 2.63 -0.79
CA ALA B 208 19.44 3.31 0.50
C ALA B 208 20.56 4.33 0.66
N VAL B 209 21.77 3.98 0.24
CA VAL B 209 22.88 4.93 0.29
C VAL B 209 22.55 6.17 -0.51
N ILE B 210 22.18 5.98 -1.79
CA ILE B 210 21.83 7.11 -2.64
C ILE B 210 20.74 7.96 -2.00
N PHE B 211 19.77 7.31 -1.37
CA PHE B 211 18.71 8.06 -0.69
C PHE B 211 19.27 8.90 0.43
N LYS B 212 20.22 8.35 1.19
CA LYS B 212 20.84 9.10 2.28
C LYS B 212 21.50 10.37 1.77
N HIS B 213 22.40 10.24 0.80
CA HIS B 213 23.09 11.40 0.26
C HIS B 213 22.12 12.41 -0.32
N ILE B 214 21.39 12.02 -1.37
CA ILE B 214 20.57 12.98 -2.11
C ILE B 214 19.44 13.51 -1.23
N GLU B 215 18.57 12.61 -0.77
CA GLU B 215 17.43 13.02 0.04
C GLU B 215 17.81 13.51 1.42
N GLY B 216 19.10 13.53 1.76
CA GLY B 216 19.51 13.96 3.09
C GLY B 216 18.86 13.14 4.19
N TRP B 217 18.75 11.84 3.99
CA TRP B 217 18.16 10.93 4.97
C TRP B 217 19.25 10.30 5.81
N SER B 218 18.83 9.68 6.92
CA SER B 218 19.76 8.97 7.78
C SER B 218 20.07 7.60 7.19
N ALA B 219 20.98 6.87 7.85
CA ALA B 219 21.23 5.49 7.45
C ALA B 219 19.99 4.63 7.66
N LEU B 220 19.28 4.85 8.77
CA LEU B 220 18.10 4.06 9.08
C LEU B 220 16.91 4.47 8.22
N ASP B 221 16.70 5.77 8.04
CA ASP B 221 15.53 6.24 7.30
C ASP B 221 15.54 5.72 5.87
N ALA B 222 16.72 5.70 5.24
CA ALA B 222 16.79 5.22 3.86
C ALA B 222 16.35 3.77 3.74
N ILE B 223 16.89 2.90 4.59
CA ILE B 223 16.49 1.50 4.57
C ILE B 223 15.03 1.36 4.96
N TYR B 224 14.63 2.01 6.05
CA TYR B 224 13.22 2.06 6.43
C TYR B 224 12.35 2.45 5.24
N PHE B 225 12.77 3.45 4.46
CA PHE B 225 12.06 3.80 3.24
C PHE B 225 12.04 2.63 2.26
N VAL B 226 13.22 2.08 1.95
CA VAL B 226 13.32 1.02 0.96
C VAL B 226 12.39 -0.14 1.32
N VAL B 227 12.33 -0.49 2.60
CA VAL B 227 11.50 -1.61 3.02
C VAL B 227 10.03 -1.24 3.00
N ILE B 228 9.68 -0.10 3.59
CA ILE B 228 8.29 0.34 3.56
C ILE B 228 7.80 0.48 2.12
N THR B 229 8.71 0.85 1.20
CA THR B 229 8.31 1.10 -0.18
C THR B 229 8.19 -0.19 -0.98
N LEU B 230 9.21 -1.03 -0.94
CA LEU B 230 9.22 -2.21 -1.82
C LEU B 230 8.36 -3.35 -1.29
N THR B 231 8.04 -3.35 0.00
CA THR B 231 7.02 -4.25 0.51
C THR B 231 5.62 -3.78 0.15
N THR B 232 5.51 -2.65 -0.56
CA THR B 232 4.27 -2.05 -1.04
C THR B 232 3.37 -1.57 0.11
N ILE B 233 3.93 -1.39 1.30
CA ILE B 233 3.17 -0.79 2.40
C ILE B 233 2.95 0.70 2.13
N GLY B 234 4.05 1.45 2.03
CA GLY B 234 3.98 2.83 1.62
C GLY B 234 3.31 3.76 2.62
N PHE B 235 3.85 3.81 3.84
CA PHE B 235 3.35 4.77 4.82
C PHE B 235 3.31 6.18 4.24
N GLY B 236 4.36 6.58 3.54
CA GLY B 236 4.46 7.91 2.99
C GLY B 236 5.19 8.90 3.88
N ASP B 237 5.55 8.50 5.10
CA ASP B 237 6.33 9.39 5.95
C ASP B 237 7.66 9.77 5.29
N TYR B 238 8.20 8.89 4.47
CA TYR B 238 9.42 9.15 3.69
C TYR B 238 9.12 8.87 2.22
N VAL B 239 9.60 9.74 1.34
CA VAL B 239 9.33 9.61 -0.08
C VAL B 239 10.55 10.05 -0.87
N ALA B 240 10.96 9.22 -1.84
CA ALA B 240 12.18 9.47 -2.59
C ALA B 240 12.19 10.81 -3.29
N GLY B 241 11.06 11.52 -3.33
CA GLY B 241 11.05 12.87 -3.88
C GLY B 241 10.08 13.76 -3.15
N GLY B 242 9.55 13.26 -2.02
CA GLY B 242 8.53 14.01 -1.28
C GLY B 242 8.86 15.47 -1.11
N SER B 243 10.14 15.79 -0.92
CA SER B 243 10.60 17.17 -0.88
C SER B 243 11.13 17.55 -2.26
N ASP B 244 10.89 18.80 -2.64
CA ASP B 244 11.15 19.28 -3.99
C ASP B 244 12.60 19.74 -4.15
N ILE B 245 13.51 19.14 -3.38
CA ILE B 245 14.72 19.86 -2.98
C ILE B 245 15.45 20.42 -4.18
N GLU B 246 16.15 19.57 -4.93
CA GLU B 246 16.72 20.00 -6.20
C GLU B 246 16.72 18.89 -7.24
N TYR B 247 16.77 17.61 -6.82
CA TYR B 247 16.37 16.53 -7.71
C TYR B 247 17.10 16.44 -9.07
N LEU B 248 18.37 16.03 -9.07
CA LEU B 248 19.09 15.88 -10.35
C LEU B 248 18.21 15.28 -11.45
N ASP B 249 18.47 15.66 -12.71
CA ASP B 249 17.57 15.37 -13.83
C ASP B 249 17.37 13.88 -14.13
N PHE B 250 18.16 12.98 -13.56
CA PHE B 250 17.95 11.55 -13.76
C PHE B 250 17.60 10.83 -12.47
N TYR B 251 17.52 11.55 -11.36
CA TYR B 251 17.22 10.91 -10.08
C TYR B 251 15.98 10.04 -10.16
N LYS B 252 14.85 10.63 -10.58
CA LYS B 252 13.52 10.02 -10.52
C LYS B 252 13.42 8.84 -11.49
N PRO B 253 13.89 8.99 -12.74
CA PRO B 253 13.89 7.83 -13.64
C PRO B 253 14.61 6.64 -13.04
N VAL B 254 15.80 6.86 -12.47
CA VAL B 254 16.53 5.76 -11.84
C VAL B 254 15.69 5.15 -10.72
N VAL B 255 14.93 5.97 -10.01
CA VAL B 255 14.14 5.46 -8.89
C VAL B 255 12.98 4.61 -9.39
N TRP B 256 12.34 5.02 -10.48
CA TRP B 256 11.34 4.17 -11.13
C TRP B 256 11.90 2.78 -11.40
N PHE B 257 13.05 2.71 -12.07
CA PHE B 257 13.66 1.43 -12.36
C PHE B 257 13.96 0.65 -11.08
N TRP B 258 14.49 1.35 -10.07
CA TRP B 258 14.65 0.72 -8.75
C TRP B 258 13.33 0.14 -8.25
N ILE B 259 12.27 0.93 -8.29
CA ILE B 259 10.97 0.45 -7.86
C ILE B 259 10.57 -0.78 -8.66
N LEU B 260 10.68 -0.68 -9.98
CA LEU B 260 10.21 -1.76 -10.85
C LEU B 260 10.91 -3.08 -10.55
N VAL B 261 12.19 -3.03 -10.18
CA VAL B 261 12.94 -4.27 -9.97
C VAL B 261 12.98 -4.55 -8.48
N GLY B 262 12.92 -3.50 -7.66
CA GLY B 262 12.85 -3.69 -6.22
C GLY B 262 11.58 -4.41 -5.79
N LEU B 263 10.44 -4.02 -6.36
CA LEU B 263 9.19 -4.70 -6.03
C LEU B 263 9.26 -6.16 -6.42
N ALA B 264 9.71 -6.46 -7.63
CA ALA B 264 9.89 -7.86 -8.04
C ALA B 264 10.77 -8.61 -7.05
N TYR B 265 11.86 -7.97 -6.61
CA TYR B 265 12.77 -8.63 -5.68
C TYR B 265 12.04 -9.00 -4.38
N PHE B 266 11.36 -8.04 -3.74
CA PHE B 266 10.68 -8.36 -2.49
C PHE B 266 9.56 -9.38 -2.68
N ALA B 267 8.88 -9.35 -3.83
CA ALA B 267 7.90 -10.40 -4.09
C ALA B 267 8.50 -11.78 -3.88
N ALA B 268 9.74 -11.98 -4.36
CA ALA B 268 10.41 -13.26 -4.15
C ALA B 268 10.82 -13.45 -2.70
N VAL B 269 11.48 -12.45 -2.12
CA VAL B 269 11.94 -12.56 -0.74
C VAL B 269 10.77 -12.85 0.20
N LEU B 270 9.69 -12.09 0.05
CA LEU B 270 8.47 -12.37 0.81
C LEU B 270 7.99 -13.78 0.56
N SER B 271 7.92 -14.19 -0.72
CA SER B 271 7.50 -15.55 -1.04
C SER B 271 8.37 -16.58 -0.34
N MET B 272 9.69 -16.34 -0.28
CA MET B 272 10.58 -17.27 0.40
C MET B 272 10.31 -17.28 1.91
N ILE B 273 10.26 -16.11 2.53
CA ILE B 273 9.99 -16.04 3.96
C ILE B 273 8.72 -16.81 4.29
N GLY B 274 7.73 -16.79 3.39
CA GLY B 274 6.54 -17.59 3.59
C GLY B 274 6.85 -19.08 3.67
N ASP B 275 7.69 -19.57 2.75
CA ASP B 275 8.09 -20.97 2.77
C ASP B 275 8.75 -21.33 4.09
N TRP B 276 9.73 -20.53 4.52
CA TRP B 276 10.39 -20.75 5.78
C TRP B 276 9.38 -20.85 6.92
N LEU B 277 8.45 -19.90 6.97
CA LEU B 277 7.37 -19.96 7.96
C LEU B 277 6.67 -21.31 7.92
N ARG B 278 6.26 -21.74 6.73
CA ARG B 278 5.59 -23.02 6.58
C ARG B 278 6.49 -24.17 7.03
N VAL B 279 7.78 -24.08 6.74
CA VAL B 279 8.73 -25.07 7.25
C VAL B 279 8.77 -25.03 8.77
N ILE B 280 9.15 -23.88 9.34
CA ILE B 280 9.14 -23.73 10.79
C ILE B 280 7.77 -24.07 11.35
N ALA B 281 6.71 -23.68 10.63
CA ALA B 281 5.36 -23.93 11.11
C ALA B 281 5.11 -25.42 11.31
N LYS B 282 5.22 -26.20 10.23
CA LYS B 282 4.90 -27.62 10.31
C LYS B 282 5.98 -28.42 11.03
N LYS B 283 7.20 -27.90 11.11
CA LYS B 283 8.22 -28.59 11.89
C LYS B 283 8.02 -28.39 13.39
N THR B 284 7.62 -27.18 13.79
CA THR B 284 7.32 -26.96 15.20
C THR B 284 6.00 -27.63 15.58
N LYS B 285 5.07 -27.77 14.64
CA LYS B 285 3.82 -28.47 14.92
C LYS B 285 4.10 -29.89 15.41
N GLU B 286 4.95 -30.62 14.70
CA GLU B 286 5.33 -31.95 15.16
C GLU B 286 6.12 -31.91 16.45
N ALA B 287 6.94 -30.87 16.62
CA ALA B 287 7.71 -30.75 17.86
C ALA B 287 6.79 -30.62 19.07
N VAL B 288 5.60 -30.06 18.90
CA VAL B 288 4.67 -29.96 20.01
C VAL B 288 4.01 -31.31 20.28
N GLY B 289 3.58 -31.99 19.22
CA GLY B 289 3.12 -33.37 19.40
C GLY B 289 4.22 -34.26 19.95
N GLU B 290 5.44 -34.10 19.44
CA GLU B 290 6.61 -34.72 20.05
C GLU B 290 6.65 -34.42 21.55
N PHE B 291 6.69 -33.14 21.89
CA PHE B 291 6.66 -32.71 23.28
C PHE B 291 5.52 -33.38 24.04
N ARG B 292 4.29 -33.17 23.59
CA ARG B 292 3.13 -33.67 24.32
C ARG B 292 3.21 -35.18 24.55
N ALA B 293 3.70 -35.92 23.55
CA ALA B 293 3.79 -37.37 23.66
C ALA B 293 4.72 -37.78 24.78
N HIS B 294 6.01 -37.45 24.67
CA HIS B 294 6.95 -37.77 25.74
C HIS B 294 6.59 -37.04 27.02
N ALA B 295 6.68 -35.71 26.98
CA ALA B 295 6.59 -34.90 28.19
C ALA B 295 7.69 -35.28 29.18
N ALA B 296 8.89 -35.52 28.63
CA ALA B 296 10.07 -35.86 29.44
C ALA B 296 9.86 -37.17 30.20
N GLU B 297 9.43 -38.20 29.48
CA GLU B 297 9.09 -39.52 30.01
C GLU B 297 7.80 -39.49 30.81
N TRP B 298 7.16 -38.34 30.94
CA TRP B 298 5.90 -38.20 31.68
C TRP B 298 5.07 -37.05 31.13
#